data_4FEY
#
_entry.id   4FEY
#
_cell.length_a   66.616
_cell.length_b   66.616
_cell.length_c   206.524
_cell.angle_alpha   90.00
_cell.angle_beta   90.00
_cell.angle_gamma   90.00
#
_symmetry.space_group_name_H-M   'I 41'
#
loop_
_entity.id
_entity.type
_entity.pdbx_description
1 polymer 'Phosphoglycerate kinase'
2 non-polymer "ADENOSINE-5'-DIPHOSPHATE"
3 water water
#
_entity_poly.entity_id   1
_entity_poly.type   'polypeptide(L)'
_entity_poly.pdbx_seq_one_letter_code
;SNAMSFLTLKDVDLKDKKVLVRVDFNVPVKDGKVTSKVRIEAAIPTIQYILDQGGAVILMSHLGRPTEGEYDSQFSLEPV
AKALSEIINKPVKFAKDWLDGVDVKAGEIVMCENVRFNSGEKKSTDDLSKKIASLGDVFVMDAFATAHRAQASTYGVAKY
IPVACAGILLTNEIQALEKALKSPKKPMAAIVGGSKVSTKLSVLNNLLDKVEILIVGGGIANTFIKAEGFDVGNSLYEQD
LVAEATEILAKAKALGVNIPVPVDVRVAKEFSENAQAIIKKVSDVVADEMILDIGPESQKIIAELLKSANTILWNGPVGV
FEFDNFAEGTKALSLAIAQSHAFSVAGGGDTIAAIEKFGIKDQVSYISTAGGAFLEFLEGKKLPAIEILKEKAIR
;
_entity_poly.pdbx_strand_id   A
#
loop_
_chem_comp.id
_chem_comp.type
_chem_comp.name
_chem_comp.formula
ADP non-polymer ADENOSINE-5'-DIPHOSPHATE 'C10 H15 N5 O10 P2'
#
# COMPACT_ATOMS: atom_id res chain seq x y z
N MET A 4 1.88 8.80 -16.78
CA MET A 4 2.11 9.57 -18.01
C MET A 4 2.52 11.03 -17.72
N SER A 5 2.00 11.62 -16.63
CA SER A 5 2.23 13.02 -16.20
C SER A 5 3.71 13.29 -15.79
N PHE A 6 4.40 12.23 -15.36
CA PHE A 6 5.80 12.23 -14.94
C PHE A 6 6.62 11.44 -15.97
N LEU A 7 7.94 11.68 -16.02
CA LEU A 7 8.83 10.92 -16.90
C LEU A 7 9.08 9.55 -16.29
N THR A 8 9.28 8.55 -17.16
CA THR A 8 9.58 7.17 -16.80
C THR A 8 10.99 6.85 -17.33
N LEU A 9 11.53 5.63 -17.04
CA LEU A 9 12.89 5.22 -17.45
C LEU A 9 13.13 5.32 -18.96
N LYS A 10 12.10 5.01 -19.77
CA LYS A 10 12.17 5.04 -21.24
C LYS A 10 12.21 6.48 -21.81
N ASP A 11 11.81 7.50 -21.03
CA ASP A 11 11.77 8.89 -21.48
C ASP A 11 13.08 9.67 -21.22
N VAL A 12 14.06 9.04 -20.56
CA VAL A 12 15.30 9.75 -20.19
C VAL A 12 16.55 9.09 -20.80
N ASP A 13 17.63 9.87 -20.90
CA ASP A 13 18.91 9.38 -21.42
C ASP A 13 19.72 8.84 -20.25
N LEU A 14 19.93 7.52 -20.25
CA LEU A 14 20.66 6.80 -19.20
C LEU A 14 22.09 6.42 -19.62
N LYS A 15 22.45 6.55 -20.93
CA LYS A 15 23.77 6.21 -21.47
C LYS A 15 24.89 7.08 -20.86
N ASP A 16 25.91 6.41 -20.24
CA ASP A 16 27.11 6.98 -19.61
C ASP A 16 26.76 8.06 -18.56
N LYS A 17 25.71 7.80 -17.77
CA LYS A 17 25.27 8.73 -16.73
C LYS A 17 25.28 8.06 -15.37
N LYS A 18 25.52 8.85 -14.32
CA LYS A 18 25.47 8.36 -12.95
C LYS A 18 23.99 8.37 -12.54
N VAL A 19 23.38 7.17 -12.39
CA VAL A 19 21.95 7.08 -12.10
C VAL A 19 21.65 6.65 -10.64
N LEU A 20 21.17 7.63 -9.85
CA LEU A 20 20.74 7.47 -8.45
C LEU A 20 19.33 6.90 -8.42
N VAL A 21 19.14 5.78 -7.70
CA VAL A 21 17.83 5.11 -7.60
C VAL A 21 17.42 4.97 -6.14
N ARG A 22 16.23 5.49 -5.82
CA ARG A 22 15.66 5.35 -4.50
C ARG A 22 14.76 4.11 -4.56
N VAL A 23 15.22 3.03 -3.91
CA VAL A 23 14.54 1.72 -3.86
C VAL A 23 13.93 1.47 -2.47
N ASP A 24 13.14 0.38 -2.35
CA ASP A 24 12.55 -0.04 -1.08
C ASP A 24 13.21 -1.35 -0.68
N PHE A 25 14.32 -1.24 0.03
CA PHE A 25 15.07 -2.38 0.51
C PHE A 25 14.89 -2.47 2.04
N ASN A 26 13.72 -2.00 2.52
CA ASN A 26 13.34 -2.06 3.94
C ASN A 26 12.84 -3.50 4.24
N VAL A 27 13.78 -4.42 4.19
CA VAL A 27 13.58 -5.86 4.35
C VAL A 27 13.77 -6.28 5.83
N PRO A 28 13.10 -7.39 6.29
CA PRO A 28 13.37 -7.85 7.67
C PRO A 28 14.76 -8.48 7.78
N VAL A 29 15.51 -8.10 8.82
CA VAL A 29 16.87 -8.58 9.08
C VAL A 29 16.93 -9.23 10.48
N LYS A 30 17.61 -10.39 10.57
CA LYS A 30 17.81 -11.13 11.82
C LYS A 30 19.24 -11.67 11.88
N ASP A 31 20.00 -11.20 12.90
CA ASP A 31 21.41 -11.55 13.17
C ASP A 31 22.31 -11.27 11.94
N GLY A 32 22.11 -10.09 11.36
CA GLY A 32 22.84 -9.63 10.18
C GLY A 32 22.53 -10.41 8.93
N LYS A 33 21.32 -11.01 8.87
CA LYS A 33 20.87 -11.83 7.74
C LYS A 33 19.40 -11.51 7.37
N VAL A 34 19.14 -11.37 6.06
CA VAL A 34 17.82 -11.08 5.48
C VAL A 34 16.91 -12.31 5.64
N THR A 35 15.68 -12.13 6.18
CA THR A 35 14.73 -13.23 6.36
C THR A 35 13.72 -13.29 5.20
N SER A 36 13.69 -12.21 4.38
CA SER A 36 12.85 -12.10 3.18
C SER A 36 13.60 -11.30 2.13
N LYS A 37 13.62 -11.80 0.88
CA LYS A 37 14.33 -11.18 -0.22
C LYS A 37 13.39 -10.56 -1.26
N VAL A 38 12.06 -10.66 -1.02
CA VAL A 38 10.95 -10.23 -1.89
C VAL A 38 11.15 -8.83 -2.50
N ARG A 39 11.47 -7.82 -1.68
CA ARG A 39 11.66 -6.43 -2.09
C ARG A 39 12.94 -6.21 -2.92
N ILE A 40 13.98 -7.07 -2.70
CA ILE A 40 15.25 -6.98 -3.44
C ILE A 40 15.02 -7.52 -4.87
N GLU A 41 14.21 -8.59 -4.96
CA GLU A 41 13.84 -9.25 -6.22
C GLU A 41 12.95 -8.32 -7.06
N ALA A 42 12.17 -7.46 -6.39
CA ALA A 42 11.25 -6.51 -7.03
C ALA A 42 11.96 -5.42 -7.85
N ALA A 43 13.08 -4.86 -7.32
CA ALA A 43 13.82 -3.78 -7.99
C ALA A 43 14.84 -4.28 -9.08
N ILE A 44 14.93 -5.62 -9.29
CA ILE A 44 15.84 -6.19 -10.29
C ILE A 44 15.54 -5.61 -11.71
N PRO A 45 14.29 -5.62 -12.26
CA PRO A 45 14.09 -5.06 -13.61
C PRO A 45 14.57 -3.61 -13.76
N THR A 46 14.30 -2.73 -12.74
CA THR A 46 14.74 -1.33 -12.76
C THR A 46 16.29 -1.23 -12.86
N ILE A 47 17.03 -2.01 -12.02
CA ILE A 47 18.49 -2.05 -12.00
C ILE A 47 18.98 -2.57 -13.37
N GLN A 48 18.44 -3.73 -13.82
CA GLN A 48 18.80 -4.37 -15.11
C GLN A 48 18.63 -3.42 -16.29
N TYR A 49 17.47 -2.72 -16.37
CA TYR A 49 17.16 -1.79 -17.46
C TYR A 49 18.23 -0.68 -17.59
N ILE A 50 18.58 0.00 -16.46
CA ILE A 50 19.57 1.08 -16.42
C ILE A 50 20.93 0.56 -16.96
N LEU A 51 21.36 -0.63 -16.47
CA LEU A 51 22.60 -1.33 -16.85
C LEU A 51 22.68 -1.57 -18.34
N ASP A 52 21.55 -1.98 -18.96
CA ASP A 52 21.46 -2.24 -20.40
C ASP A 52 21.52 -0.94 -21.19
N GLN A 53 21.05 0.18 -20.60
CA GLN A 53 21.05 1.47 -21.28
C GLN A 53 22.45 2.13 -21.30
N GLY A 54 23.37 1.60 -20.47
CA GLY A 54 24.76 2.06 -20.41
C GLY A 54 25.10 3.00 -19.28
N GLY A 55 24.31 2.96 -18.20
CA GLY A 55 24.53 3.81 -17.03
C GLY A 55 25.05 3.09 -15.82
N ALA A 56 25.57 3.86 -14.86
CA ALA A 56 26.05 3.38 -13.58
C ALA A 56 24.93 3.51 -12.53
N VAL A 57 24.62 2.42 -11.80
CA VAL A 57 23.52 2.45 -10.83
C VAL A 57 24.05 2.78 -9.42
N ILE A 58 23.38 3.74 -8.74
CA ILE A 58 23.71 4.16 -7.37
C ILE A 58 22.43 3.96 -6.57
N LEU A 59 22.39 2.90 -5.74
CA LEU A 59 21.22 2.57 -4.93
C LEU A 59 21.23 3.22 -3.57
N MET A 60 20.09 3.84 -3.24
CA MET A 60 19.78 4.51 -1.98
C MET A 60 18.55 3.88 -1.38
N SER A 61 18.56 3.63 -0.07
CA SER A 61 17.44 3.03 0.64
C SER A 61 17.46 3.34 2.10
N HIS A 62 16.30 3.15 2.74
CA HIS A 62 16.11 3.22 4.18
C HIS A 62 16.01 1.77 4.69
N LEU A 63 16.22 1.57 6.00
CA LEU A 63 16.07 0.26 6.64
C LEU A 63 15.73 0.55 8.09
N GLY A 64 14.63 -0.03 8.56
CA GLY A 64 14.22 0.08 9.94
C GLY A 64 13.93 1.48 10.44
N ARG A 65 14.19 1.68 11.72
CA ARG A 65 13.99 2.95 12.42
C ARG A 65 15.27 3.47 13.14
N PRO A 66 16.33 3.88 12.43
CA PRO A 66 17.48 4.44 13.17
C PRO A 66 17.22 5.90 13.56
N THR A 67 18.05 6.44 14.43
CA THR A 67 17.98 7.84 14.84
C THR A 67 18.83 8.65 13.87
N GLU A 68 18.23 9.67 13.27
CA GLU A 68 18.93 10.54 12.32
C GLU A 68 20.12 11.22 12.97
N GLY A 69 21.19 11.42 12.19
CA GLY A 69 22.39 12.08 12.65
C GLY A 69 23.40 11.14 13.29
N GLU A 70 23.10 9.83 13.26
CA GLU A 70 23.90 8.77 13.88
C GLU A 70 23.91 7.51 13.04
N TYR A 71 25.02 6.78 13.14
CA TYR A 71 25.21 5.47 12.53
C TYR A 71 24.76 4.41 13.54
N ASP A 72 24.09 3.36 13.05
CA ASP A 72 23.67 2.24 13.88
C ASP A 72 23.80 0.99 13.05
N SER A 73 24.74 0.10 13.42
CA SER A 73 25.06 -1.13 12.70
C SER A 73 23.87 -2.07 12.54
N GLN A 74 22.94 -2.09 13.51
CA GLN A 74 21.75 -2.95 13.44
C GLN A 74 20.77 -2.51 12.33
N PHE A 75 21.04 -1.35 11.66
CA PHE A 75 20.21 -0.85 10.57
C PHE A 75 21.02 -0.54 9.30
N SER A 76 22.28 -1.02 9.28
CA SER A 76 23.18 -0.88 8.13
C SER A 76 22.66 -1.71 6.96
N LEU A 77 22.82 -1.19 5.74
CA LEU A 77 22.34 -1.86 4.54
C LEU A 77 23.36 -2.83 3.98
N GLU A 78 24.49 -3.02 4.70
CA GLU A 78 25.57 -3.94 4.32
C GLU A 78 25.04 -5.37 4.03
N PRO A 79 24.21 -6.04 4.89
CA PRO A 79 23.72 -7.39 4.53
C PRO A 79 22.79 -7.39 3.31
N VAL A 80 22.13 -6.25 3.03
CA VAL A 80 21.21 -6.08 1.90
C VAL A 80 22.03 -5.96 0.61
N ALA A 81 23.21 -5.30 0.69
CA ALA A 81 24.13 -5.17 -0.44
C ALA A 81 24.66 -6.53 -0.86
N LYS A 82 24.96 -7.41 0.13
CA LYS A 82 25.46 -8.77 -0.09
C LYS A 82 24.33 -9.66 -0.63
N ALA A 83 23.10 -9.44 -0.15
CA ALA A 83 21.89 -10.17 -0.58
C ALA A 83 21.56 -9.89 -2.04
N LEU A 84 21.71 -8.62 -2.48
CA LEU A 84 21.48 -8.19 -3.86
C LEU A 84 22.50 -8.83 -4.82
N SER A 85 23.80 -8.85 -4.41
CA SER A 85 24.90 -9.43 -5.18
C SER A 85 24.66 -10.92 -5.43
N GLU A 86 23.97 -11.59 -4.50
CA GLU A 86 23.60 -13.02 -4.59
C GLU A 86 22.50 -13.22 -5.64
N ILE A 87 21.44 -12.41 -5.56
CA ILE A 87 20.34 -12.53 -6.51
C ILE A 87 20.71 -12.10 -7.92
N ILE A 88 21.38 -10.95 -8.02
CA ILE A 88 21.80 -10.41 -9.30
C ILE A 88 22.91 -11.23 -9.96
N ASN A 89 23.82 -11.73 -9.15
CA ASN A 89 24.96 -12.48 -9.65
C ASN A 89 26.03 -11.50 -10.11
N LYS A 90 25.78 -10.22 -9.86
CA LYS A 90 26.70 -9.15 -10.24
C LYS A 90 27.23 -8.48 -8.99
N PRO A 91 28.50 -8.10 -9.02
CA PRO A 91 29.13 -7.48 -7.85
C PRO A 91 28.44 -6.17 -7.47
N VAL A 92 28.29 -5.96 -6.17
CA VAL A 92 27.64 -4.78 -5.61
C VAL A 92 28.57 -4.14 -4.57
N LYS A 93 29.17 -2.98 -4.92
CA LYS A 93 30.02 -2.21 -4.03
C LYS A 93 29.16 -1.54 -2.95
N PHE A 94 29.59 -1.57 -1.70
CA PHE A 94 28.88 -0.96 -0.61
C PHE A 94 29.59 0.34 -0.20
N ALA A 95 28.92 1.49 -0.40
CA ALA A 95 29.48 2.81 -0.11
C ALA A 95 28.93 3.40 1.16
N LYS A 96 29.80 3.57 2.16
CA LYS A 96 29.45 4.13 3.46
C LYS A 96 29.76 5.63 3.52
N ASP A 97 30.74 6.06 2.71
CA ASP A 97 31.20 7.45 2.54
C ASP A 97 30.66 8.03 1.21
N TRP A 98 29.47 7.57 0.81
CA TRP A 98 28.79 7.94 -0.44
C TRP A 98 28.43 9.43 -0.55
N LEU A 99 28.15 10.14 0.56
CA LEU A 99 27.80 11.57 0.49
C LEU A 99 28.95 12.45 0.00
N ASP A 100 30.17 12.15 0.41
CA ASP A 100 31.32 12.92 -0.05
C ASP A 100 31.59 12.71 -1.54
N GLY A 101 31.66 11.46 -1.95
CA GLY A 101 31.80 11.11 -3.35
C GLY A 101 31.40 9.68 -3.63
N VAL A 102 30.97 9.41 -4.85
CA VAL A 102 30.70 8.04 -5.27
C VAL A 102 31.43 7.76 -6.58
N ASP A 103 32.18 6.66 -6.63
CA ASP A 103 32.89 6.33 -7.85
C ASP A 103 32.29 5.08 -8.45
N VAL A 104 31.76 5.20 -9.67
CA VAL A 104 31.15 4.08 -10.35
C VAL A 104 31.38 4.16 -11.86
N LYS A 105 31.46 3.01 -12.50
CA LYS A 105 31.66 2.93 -13.94
C LYS A 105 30.54 2.14 -14.60
N ALA A 106 29.98 2.68 -15.68
CA ALA A 106 28.88 2.00 -16.36
C ALA A 106 29.02 0.47 -16.25
N GLY A 107 27.89 -0.21 -15.99
CA GLY A 107 27.85 -1.65 -15.83
C GLY A 107 27.99 -2.14 -14.39
N GLU A 108 28.43 -1.24 -13.50
CA GLU A 108 28.61 -1.55 -12.07
C GLU A 108 27.40 -1.08 -11.24
N ILE A 109 27.16 -1.75 -10.10
CA ILE A 109 26.08 -1.43 -9.15
C ILE A 109 26.71 -1.06 -7.80
N VAL A 110 26.31 0.09 -7.25
CA VAL A 110 26.80 0.52 -5.94
C VAL A 110 25.57 0.74 -5.01
N MET A 111 25.68 0.20 -3.78
CA MET A 111 24.69 0.30 -2.70
C MET A 111 25.14 1.30 -1.65
N CYS A 112 24.42 2.43 -1.52
CA CYS A 112 24.72 3.44 -0.50
C CYS A 112 24.32 2.92 0.87
N GLU A 113 24.91 3.49 1.91
CA GLU A 113 24.54 3.16 3.29
C GLU A 113 23.21 3.85 3.59
N ASN A 114 22.50 3.38 4.61
CA ASN A 114 21.14 3.81 4.87
C ASN A 114 21.04 5.32 4.93
N VAL A 115 20.08 5.84 4.18
CA VAL A 115 19.84 7.27 4.07
C VAL A 115 19.41 7.87 5.39
N ARG A 116 18.64 7.10 6.14
CA ARG A 116 18.04 7.63 7.38
C ARG A 116 19.07 8.02 8.45
N PHE A 117 20.33 7.70 8.25
CA PHE A 117 21.41 8.06 9.16
C PHE A 117 21.76 9.56 9.03
N ASN A 118 21.53 10.16 7.85
CA ASN A 118 21.92 11.52 7.49
C ASN A 118 21.04 12.62 8.02
N SER A 119 21.69 13.62 8.64
CA SER A 119 21.03 14.83 9.17
C SER A 119 20.41 15.63 8.03
N GLY A 120 19.10 15.87 8.13
CA GLY A 120 18.35 16.61 7.12
C GLY A 120 17.52 15.75 6.18
N GLU A 121 17.66 14.41 6.28
CA GLU A 121 16.93 13.46 5.44
C GLU A 121 15.42 13.54 5.68
N LYS A 122 14.92 13.32 6.92
CA LYS A 122 13.48 13.34 7.21
C LYS A 122 12.76 14.66 6.88
N LYS A 123 13.44 15.80 7.05
CA LYS A 123 12.91 17.14 6.78
C LYS A 123 13.20 17.60 5.34
N SER A 124 13.99 16.83 4.56
CA SER A 124 14.36 17.12 3.16
C SER A 124 15.11 18.48 3.07
N THR A 125 16.11 18.69 3.92
CA THR A 125 16.92 19.91 3.91
C THR A 125 17.53 20.12 2.52
N ASP A 126 17.54 21.39 2.04
CA ASP A 126 18.09 21.75 0.73
C ASP A 126 19.58 21.48 0.73
N ASP A 127 20.25 21.65 1.91
CA ASP A 127 21.67 21.36 2.13
C ASP A 127 21.96 19.90 1.72
N LEU A 128 21.30 18.92 2.36
CA LEU A 128 21.45 17.48 2.09
C LEU A 128 20.93 17.08 0.70
N SER A 129 19.86 17.74 0.22
CA SER A 129 19.25 17.46 -1.08
C SER A 129 20.20 17.79 -2.25
N LYS A 130 20.94 18.92 -2.13
CA LYS A 130 21.91 19.38 -3.13
C LYS A 130 23.14 18.47 -3.14
N LYS A 131 23.60 18.03 -1.94
CA LYS A 131 24.73 17.11 -1.78
C LYS A 131 24.38 15.77 -2.46
N ILE A 132 23.15 15.24 -2.27
CA ILE A 132 22.71 13.98 -2.90
C ILE A 132 22.57 14.16 -4.43
N ALA A 133 22.01 15.31 -4.89
CA ALA A 133 21.81 15.62 -6.32
C ALA A 133 23.12 15.75 -7.06
N SER A 134 24.17 16.26 -6.39
CA SER A 134 25.50 16.44 -6.98
C SER A 134 26.19 15.09 -7.28
N LEU A 135 25.77 13.98 -6.62
CA LEU A 135 26.34 12.63 -6.78
C LEU A 135 25.97 11.94 -8.13
N GLY A 136 24.97 12.43 -8.84
CA GLY A 136 24.58 11.83 -10.12
C GLY A 136 24.09 12.80 -11.17
N ASP A 137 23.57 12.25 -12.28
CA ASP A 137 23.04 13.04 -13.41
C ASP A 137 21.54 12.90 -13.54
N VAL A 138 21.01 11.71 -13.19
CA VAL A 138 19.58 11.37 -13.24
C VAL A 138 19.16 10.82 -11.89
N PHE A 139 17.92 11.11 -11.48
CA PHE A 139 17.32 10.56 -10.28
C PHE A 139 16.11 9.69 -10.68
N VAL A 140 16.07 8.47 -10.14
CA VAL A 140 14.97 7.55 -10.38
C VAL A 140 14.29 7.21 -9.06
N MET A 141 12.96 7.36 -8.99
CA MET A 141 12.24 7.05 -7.77
C MET A 141 11.48 5.74 -7.96
N ASP A 142 11.89 4.71 -7.25
CA ASP A 142 11.27 3.39 -7.37
C ASP A 142 10.66 2.86 -6.07
N ALA A 143 10.52 3.71 -5.06
CA ALA A 143 10.06 3.28 -3.74
C ALA A 143 8.72 3.91 -3.38
N PHE A 144 7.61 3.31 -3.85
CA PHE A 144 6.27 3.84 -3.61
C PHE A 144 5.91 3.93 -2.12
N ALA A 145 6.26 2.89 -1.35
CA ALA A 145 5.96 2.83 0.10
C ALA A 145 6.49 4.07 0.87
N THR A 146 7.37 4.88 0.26
CA THR A 146 7.93 6.09 0.86
C THR A 146 7.57 7.35 0.06
N ALA A 147 6.75 7.23 -0.99
CA ALA A 147 6.37 8.36 -1.86
C ALA A 147 5.46 9.40 -1.15
N HIS A 148 4.89 9.04 0.01
CA HIS A 148 3.99 9.95 0.77
C HIS A 148 4.78 10.86 1.73
N ARG A 149 6.11 10.72 1.75
CA ARG A 149 7.02 11.48 2.60
C ARG A 149 8.01 12.33 1.78
N ALA A 150 8.11 13.61 2.09
CA ALA A 150 9.08 14.48 1.40
C ALA A 150 10.37 14.45 2.21
N GLN A 151 11.36 13.75 1.66
CA GLN A 151 12.64 13.53 2.31
C GLN A 151 13.77 13.76 1.29
N ALA A 152 14.97 14.06 1.76
CA ALA A 152 16.08 14.37 0.83
C ALA A 152 16.27 13.33 -0.27
N SER A 153 16.19 12.03 0.04
CA SER A 153 16.43 10.94 -0.94
C SER A 153 15.16 10.48 -1.66
N THR A 154 14.00 11.00 -1.29
CA THR A 154 12.77 10.68 -2.01
C THR A 154 12.19 11.89 -2.71
N TYR A 155 12.45 13.08 -2.17
CA TYR A 155 11.87 14.31 -2.70
C TYR A 155 12.86 15.42 -3.03
N GLY A 156 13.73 15.75 -2.08
CA GLY A 156 14.65 16.86 -2.24
C GLY A 156 15.66 16.74 -3.36
N VAL A 157 16.24 15.55 -3.50
CA VAL A 157 17.20 15.29 -4.59
C VAL A 157 16.58 15.67 -5.99
N ALA A 158 15.28 15.41 -6.20
CA ALA A 158 14.56 15.66 -7.48
C ALA A 158 14.45 17.16 -7.81
N LYS A 159 14.55 18.03 -6.81
CA LYS A 159 14.51 19.50 -6.98
C LYS A 159 15.76 20.03 -7.67
N TYR A 160 16.94 19.45 -7.35
CA TYR A 160 18.24 19.95 -7.78
C TYR A 160 18.97 19.07 -8.82
N ILE A 161 18.61 17.80 -8.96
CA ILE A 161 19.24 16.94 -9.98
C ILE A 161 18.86 17.44 -11.39
N PRO A 162 19.74 17.30 -12.39
CA PRO A 162 19.35 17.76 -13.73
C PRO A 162 18.14 16.99 -14.29
N VAL A 163 18.04 15.65 -14.08
CA VAL A 163 16.92 14.85 -14.63
C VAL A 163 16.25 13.96 -13.53
N ALA A 164 14.93 14.12 -13.34
CA ALA A 164 14.15 13.31 -12.36
C ALA A 164 13.06 12.48 -13.07
N CYS A 165 12.99 11.17 -12.77
CA CYS A 165 11.99 10.27 -13.38
C CYS A 165 11.52 9.20 -12.37
N ALA A 166 10.55 8.37 -12.78
CA ALA A 166 9.99 7.27 -11.99
C ALA A 166 10.47 5.92 -12.53
N GLY A 167 10.79 4.99 -11.62
CA GLY A 167 11.23 3.64 -11.96
C GLY A 167 10.11 2.68 -12.31
N ILE A 168 10.46 1.39 -12.54
CA ILE A 168 9.51 0.37 -12.97
C ILE A 168 8.39 0.17 -11.93
N LEU A 169 8.73 -0.18 -10.67
CA LEU A 169 7.75 -0.44 -9.61
C LEU A 169 6.81 0.73 -9.34
N LEU A 170 7.34 1.96 -9.26
CA LEU A 170 6.55 3.18 -9.00
C LEU A 170 5.54 3.48 -10.16
N THR A 171 6.00 3.41 -11.42
CA THR A 171 5.15 3.61 -12.60
C THR A 171 3.96 2.63 -12.58
N ASN A 172 4.21 1.33 -12.30
CA ASN A 172 3.20 0.27 -12.25
C ASN A 172 2.20 0.46 -11.13
N GLU A 173 2.68 0.89 -9.94
CA GLU A 173 1.86 1.10 -8.76
C GLU A 173 0.87 2.24 -9.00
N ILE A 174 1.38 3.40 -9.49
CA ILE A 174 0.55 4.60 -9.81
C ILE A 174 -0.46 4.23 -10.90
N GLN A 175 -0.03 3.46 -11.93
CA GLN A 175 -0.88 3.03 -13.04
C GLN A 175 -2.00 2.10 -12.58
N ALA A 176 -1.69 1.11 -11.72
CA ALA A 176 -2.71 0.19 -11.21
C ALA A 176 -3.72 0.92 -10.30
N LEU A 177 -3.22 1.84 -9.47
CA LEU A 177 -4.08 2.57 -8.55
C LEU A 177 -4.97 3.56 -9.31
N GLU A 178 -4.40 4.26 -10.31
CA GLU A 178 -5.14 5.23 -11.12
C GLU A 178 -6.17 4.57 -12.03
N LYS A 179 -5.93 3.32 -12.45
CA LYS A 179 -6.89 2.56 -13.27
C LYS A 179 -8.12 2.19 -12.42
N ALA A 180 -7.99 2.24 -11.09
CA ALA A 180 -9.07 1.93 -10.17
C ALA A 180 -9.75 3.20 -9.62
N LEU A 181 -8.99 4.29 -9.50
CA LEU A 181 -9.54 5.52 -8.94
C LEU A 181 -9.90 6.64 -9.92
N LYS A 182 -8.97 7.02 -10.80
CA LYS A 182 -9.25 8.12 -11.72
C LYS A 182 -10.35 7.86 -12.74
N SER A 183 -10.32 6.71 -13.41
CA SER A 183 -11.35 6.38 -14.40
C SER A 183 -11.63 4.88 -14.49
N PRO A 184 -12.27 4.34 -13.46
CA PRO A 184 -12.57 2.91 -13.44
C PRO A 184 -13.68 2.52 -14.42
N LYS A 185 -13.52 1.36 -15.07
CA LYS A 185 -14.58 0.79 -15.89
C LYS A 185 -15.66 0.35 -14.91
N LYS A 186 -16.90 0.80 -15.16
CA LYS A 186 -18.08 0.57 -14.32
C LYS A 186 -18.75 -0.78 -14.56
N PRO A 187 -19.37 -1.38 -13.55
CA PRO A 187 -19.45 -0.81 -12.21
C PRO A 187 -18.15 -0.86 -11.40
N MET A 188 -18.03 0.04 -10.43
CA MET A 188 -16.87 0.12 -9.55
C MET A 188 -17.27 -0.24 -8.13
N ALA A 189 -16.56 -1.18 -7.53
CA ALA A 189 -16.84 -1.61 -6.16
C ALA A 189 -15.62 -1.45 -5.25
N ALA A 190 -15.83 -0.88 -4.07
CA ALA A 190 -14.74 -0.74 -3.09
C ALA A 190 -15.15 -1.45 -1.81
N ILE A 191 -14.17 -2.09 -1.17
CA ILE A 191 -14.30 -2.85 0.08
C ILE A 191 -13.38 -2.19 1.10
N VAL A 192 -13.98 -1.61 2.14
CA VAL A 192 -13.24 -0.91 3.19
C VAL A 192 -13.57 -1.57 4.52
N GLY A 193 -12.61 -2.34 5.00
CA GLY A 193 -12.73 -3.10 6.24
C GLY A 193 -11.63 -2.76 7.21
N GLY A 194 -11.94 -2.88 8.49
CA GLY A 194 -11.01 -2.57 9.56
C GLY A 194 -11.68 -2.44 10.92
N SER A 195 -10.88 -2.11 11.95
CA SER A 195 -11.40 -2.03 13.31
C SER A 195 -12.12 -0.73 13.63
N LYS A 196 -11.78 0.38 12.95
CA LYS A 196 -12.34 1.69 13.26
C LYS A 196 -12.75 2.50 12.04
N VAL A 197 -13.91 3.19 12.11
CA VAL A 197 -14.34 4.14 11.08
C VAL A 197 -13.34 5.31 11.06
N SER A 198 -12.86 5.73 12.25
CA SER A 198 -11.98 6.87 12.40
C SER A 198 -10.73 6.77 11.53
N THR A 199 -10.04 5.63 11.54
CA THR A 199 -8.80 5.45 10.79
C THR A 199 -9.03 5.38 9.27
N LYS A 200 -10.29 5.15 8.82
CA LYS A 200 -10.63 5.02 7.38
C LYS A 200 -11.61 6.09 6.90
N LEU A 201 -11.93 7.08 7.74
CA LEU A 201 -12.89 8.13 7.38
C LEU A 201 -12.54 8.83 6.07
N SER A 202 -11.28 9.24 5.91
CA SER A 202 -10.81 9.91 4.69
C SER A 202 -10.90 9.00 3.45
N VAL A 203 -10.74 7.68 3.63
CA VAL A 203 -10.84 6.72 2.52
C VAL A 203 -12.31 6.65 2.13
N LEU A 204 -13.21 6.54 3.14
CA LEU A 204 -14.67 6.46 2.96
C LEU A 204 -15.22 7.66 2.25
N ASN A 205 -14.81 8.89 2.65
CA ASN A 205 -15.30 10.13 2.01
C ASN A 205 -14.75 10.29 0.58
N ASN A 206 -13.50 9.88 0.32
CA ASN A 206 -12.93 9.99 -1.04
C ASN A 206 -13.58 8.96 -2.00
N LEU A 207 -13.78 7.71 -1.58
CA LEU A 207 -14.39 6.70 -2.46
C LEU A 207 -15.90 6.91 -2.72
N LEU A 208 -16.62 7.51 -1.75
CA LEU A 208 -18.07 7.69 -1.77
C LEU A 208 -18.57 8.43 -3.03
N ASP A 209 -17.67 9.15 -3.68
CA ASP A 209 -17.92 9.94 -4.87
C ASP A 209 -17.63 9.16 -6.16
N LYS A 210 -16.67 8.23 -6.06
CA LYS A 210 -16.18 7.46 -7.21
C LYS A 210 -16.67 6.02 -7.36
N VAL A 211 -17.50 5.52 -6.47
CA VAL A 211 -17.92 4.12 -6.61
C VAL A 211 -19.41 3.98 -6.76
N GLU A 212 -19.85 2.76 -7.15
CA GLU A 212 -21.25 2.36 -7.26
C GLU A 212 -21.59 1.44 -6.10
N ILE A 213 -20.58 0.78 -5.56
CA ILE A 213 -20.72 -0.19 -4.47
C ILE A 213 -19.64 0.07 -3.44
N LEU A 214 -20.06 0.29 -2.19
CA LEU A 214 -19.13 0.50 -1.09
C LEU A 214 -19.42 -0.51 0.05
N ILE A 215 -18.64 -1.62 0.07
CA ILE A 215 -18.78 -2.62 1.10
C ILE A 215 -17.88 -2.24 2.28
N VAL A 216 -18.50 -2.04 3.45
CA VAL A 216 -17.85 -1.77 4.73
C VAL A 216 -17.76 -3.09 5.48
N GLY A 217 -16.63 -3.31 6.18
CA GLY A 217 -16.41 -4.56 6.89
C GLY A 217 -15.78 -4.45 8.27
N GLY A 218 -16.04 -5.48 9.09
CA GLY A 218 -15.51 -5.59 10.44
C GLY A 218 -16.07 -4.55 11.38
N GLY A 219 -15.18 -3.95 12.18
CA GLY A 219 -15.51 -2.90 13.14
C GLY A 219 -16.20 -1.70 12.48
N ILE A 220 -15.77 -1.34 11.24
CA ILE A 220 -16.35 -0.24 10.45
C ILE A 220 -17.83 -0.57 10.20
N ALA A 221 -18.13 -1.77 9.64
CA ALA A 221 -19.50 -2.21 9.36
C ALA A 221 -20.37 -2.23 10.63
N ASN A 222 -19.80 -2.62 11.78
CA ASN A 222 -20.54 -2.68 13.05
C ASN A 222 -21.01 -1.32 13.46
N THR A 223 -20.19 -0.26 13.22
CA THR A 223 -20.54 1.13 13.53
C THR A 223 -21.73 1.55 12.65
N PHE A 224 -21.77 1.08 11.38
CA PHE A 224 -22.85 1.34 10.43
C PHE A 224 -24.11 0.59 10.80
N ILE A 225 -23.98 -0.60 11.43
CA ILE A 225 -25.10 -1.42 11.90
C ILE A 225 -25.81 -0.63 13.02
N LYS A 226 -25.01 -0.06 13.95
CA LYS A 226 -25.51 0.79 15.03
C LYS A 226 -26.19 2.06 14.47
N ALA A 227 -25.63 2.65 13.38
CA ALA A 227 -26.20 3.82 12.72
C ALA A 227 -27.57 3.54 12.09
N GLU A 228 -27.77 2.31 11.57
CA GLU A 228 -29.05 1.89 10.97
C GLU A 228 -30.12 1.64 12.06
N GLY A 229 -29.72 1.70 13.33
CA GLY A 229 -30.61 1.56 14.48
C GLY A 229 -30.57 0.23 15.22
N PHE A 230 -29.79 -0.74 14.70
CA PHE A 230 -29.69 -2.07 15.30
C PHE A 230 -28.76 -2.09 16.51
N ASP A 231 -29.04 -2.98 17.48
CA ASP A 231 -28.24 -3.20 18.70
C ASP A 231 -27.01 -4.03 18.33
N VAL A 232 -25.81 -3.59 18.77
CA VAL A 232 -24.56 -4.30 18.47
C VAL A 232 -24.03 -5.04 19.70
N GLY A 233 -24.65 -4.81 20.86
CA GLY A 233 -24.26 -5.46 22.10
C GLY A 233 -22.83 -5.16 22.47
N ASN A 234 -22.00 -6.21 22.56
CA ASN A 234 -20.58 -6.12 22.94
C ASN A 234 -19.63 -6.16 21.70
N SER A 235 -20.15 -5.81 20.51
CA SER A 235 -19.36 -5.79 19.27
C SER A 235 -18.44 -4.60 19.24
N LEU A 236 -17.30 -4.75 18.57
CA LEU A 236 -16.34 -3.66 18.38
C LEU A 236 -16.93 -2.67 17.41
N TYR A 237 -17.03 -1.41 17.83
CA TYR A 237 -17.57 -0.28 17.07
C TYR A 237 -17.12 1.00 17.76
N GLU A 238 -17.28 2.14 17.10
CA GLU A 238 -16.93 3.45 17.66
C GLU A 238 -18.19 4.21 17.84
N GLN A 239 -18.64 4.40 19.07
CA GLN A 239 -19.89 5.10 19.34
C GLN A 239 -19.82 6.55 18.86
N ASP A 240 -18.66 7.16 19.00
CA ASP A 240 -18.47 8.55 18.62
C ASP A 240 -18.71 8.82 17.14
N LEU A 241 -18.47 7.82 16.30
CA LEU A 241 -18.65 8.00 14.86
C LEU A 241 -20.00 7.53 14.28
N VAL A 242 -20.95 7.18 15.14
CA VAL A 242 -22.25 6.69 14.68
C VAL A 242 -22.92 7.79 13.84
N ALA A 243 -22.83 9.07 14.30
CA ALA A 243 -23.41 10.23 13.60
C ALA A 243 -22.74 10.42 12.24
N GLU A 244 -21.42 10.17 12.18
N GLU A 244 -21.43 10.16 12.18
CA GLU A 244 -20.63 10.28 10.95
CA GLU A 244 -20.61 10.28 10.97
C GLU A 244 -21.04 9.19 9.95
C GLU A 244 -21.00 9.18 9.96
N ALA A 245 -21.17 7.92 10.43
CA ALA A 245 -21.58 6.78 9.60
C ALA A 245 -23.04 6.93 9.12
N THR A 246 -23.89 7.60 9.92
CA THR A 246 -25.29 7.92 9.59
C THR A 246 -25.30 8.86 8.39
N GLU A 247 -24.43 9.89 8.41
CA GLU A 247 -24.29 10.86 7.33
C GLU A 247 -23.78 10.17 6.07
N ILE A 248 -22.81 9.23 6.20
CA ILE A 248 -22.23 8.48 5.06
C ILE A 248 -23.33 7.71 4.32
N LEU A 249 -24.27 7.09 5.07
CA LEU A 249 -25.39 6.33 4.48
C LEU A 249 -26.33 7.26 3.72
N ALA A 250 -26.53 8.50 4.22
CA ALA A 250 -27.37 9.52 3.60
C ALA A 250 -26.73 10.04 2.30
N LYS A 251 -25.43 10.38 2.34
CA LYS A 251 -24.75 10.85 1.13
C LYS A 251 -24.73 9.74 0.05
N ALA A 252 -24.49 8.46 0.46
CA ALA A 252 -24.49 7.30 -0.44
C ALA A 252 -25.85 7.10 -1.10
N LYS A 253 -26.94 7.34 -0.35
CA LYS A 253 -28.31 7.27 -0.87
C LYS A 253 -28.48 8.32 -1.97
N ALA A 254 -28.09 9.58 -1.69
CA ALA A 254 -28.18 10.70 -2.61
C ALA A 254 -27.31 10.51 -3.86
N LEU A 255 -26.16 9.83 -3.72
CA LEU A 255 -25.26 9.61 -4.84
C LEU A 255 -25.47 8.22 -5.50
N GLY A 256 -26.54 7.53 -5.11
CA GLY A 256 -26.92 6.22 -5.63
C GLY A 256 -25.87 5.12 -5.50
N VAL A 257 -25.13 5.15 -4.37
CA VAL A 257 -24.10 4.19 -4.00
C VAL A 257 -24.75 3.09 -3.16
N ASN A 258 -24.45 1.82 -3.50
CA ASN A 258 -24.94 0.68 -2.76
C ASN A 258 -23.94 0.34 -1.62
N ILE A 259 -24.30 0.68 -0.36
CA ILE A 259 -23.56 0.31 0.86
C ILE A 259 -24.36 -0.85 1.45
N PRO A 260 -23.99 -2.12 1.16
CA PRO A 260 -24.78 -3.25 1.66
C PRO A 260 -24.47 -3.57 3.12
N VAL A 261 -25.13 -2.85 4.05
CA VAL A 261 -25.03 -3.06 5.50
C VAL A 261 -25.50 -4.49 5.77
N PRO A 262 -24.72 -5.32 6.53
CA PRO A 262 -25.11 -6.72 6.73
C PRO A 262 -26.54 -6.90 7.16
N VAL A 263 -27.27 -7.83 6.49
CA VAL A 263 -28.67 -8.18 6.81
C VAL A 263 -28.66 -9.22 7.95
N ASP A 264 -27.55 -9.99 8.07
CA ASP A 264 -27.34 -11.03 9.08
C ASP A 264 -25.86 -11.11 9.48
N VAL A 265 -25.58 -11.68 10.66
CA VAL A 265 -24.26 -11.75 11.27
C VAL A 265 -23.95 -13.10 11.89
N ARG A 266 -22.66 -13.32 12.23
CA ARG A 266 -22.16 -14.46 12.99
C ARG A 266 -21.67 -13.88 14.31
N VAL A 267 -22.33 -14.26 15.43
CA VAL A 267 -22.01 -13.73 16.77
C VAL A 267 -21.33 -14.78 17.65
N ALA A 268 -20.52 -14.30 18.61
CA ALA A 268 -19.79 -15.11 19.60
C ALA A 268 -19.94 -14.54 21.03
N LYS A 269 -19.70 -15.39 22.05
CA LYS A 269 -19.73 -15.01 23.48
C LYS A 269 -18.30 -14.92 24.04
N GLU A 270 -17.29 -15.29 23.22
CA GLU A 270 -15.87 -15.26 23.56
C GLU A 270 -15.05 -14.84 22.34
N PHE A 271 -14.01 -14.03 22.56
CA PHE A 271 -13.13 -13.58 21.47
C PHE A 271 -11.87 -14.45 21.51
N SER A 272 -11.96 -15.62 20.87
CA SER A 272 -10.93 -16.65 20.75
C SER A 272 -11.22 -17.55 19.55
N GLU A 273 -10.22 -18.31 19.07
CA GLU A 273 -10.35 -19.22 17.93
C GLU A 273 -11.15 -20.50 18.28
N ASN A 274 -11.77 -20.57 19.47
CA ASN A 274 -12.55 -21.73 19.90
C ASN A 274 -14.06 -21.41 19.99
N ALA A 275 -14.42 -20.14 19.86
CA ALA A 275 -15.82 -19.72 19.92
C ALA A 275 -16.61 -20.26 18.73
N GLN A 276 -17.89 -20.51 18.94
CA GLN A 276 -18.74 -21.08 17.91
C GLN A 276 -19.71 -20.06 17.34
N ALA A 277 -19.77 -19.99 16.02
CA ALA A 277 -20.64 -19.04 15.33
C ALA A 277 -22.14 -19.34 15.48
N ILE A 278 -22.92 -18.28 15.64
CA ILE A 278 -24.36 -18.33 15.70
C ILE A 278 -24.86 -17.37 14.62
N ILE A 279 -25.49 -17.90 13.58
CA ILE A 279 -26.02 -17.09 12.49
C ILE A 279 -27.28 -16.38 13.03
N LYS A 280 -27.23 -15.04 13.03
CA LYS A 280 -28.31 -14.21 13.54
C LYS A 280 -28.64 -13.08 12.61
N LYS A 281 -29.94 -12.74 12.50
CA LYS A 281 -30.38 -11.58 11.72
C LYS A 281 -29.81 -10.33 12.44
N VAL A 282 -29.60 -9.24 11.73
CA VAL A 282 -28.92 -8.11 12.32
C VAL A 282 -29.69 -7.63 13.55
N SER A 283 -31.00 -7.74 13.49
CA SER A 283 -31.89 -7.23 14.54
C SER A 283 -31.91 -8.11 15.82
N ASP A 284 -31.37 -9.35 15.78
CA ASP A 284 -31.39 -10.30 16.91
C ASP A 284 -30.09 -10.35 17.77
N VAL A 285 -29.21 -9.33 17.68
CA VAL A 285 -27.96 -9.32 18.46
C VAL A 285 -28.25 -8.93 19.92
N VAL A 286 -27.87 -9.81 20.88
CA VAL A 286 -28.06 -9.66 22.33
C VAL A 286 -26.85 -8.88 22.92
N ALA A 287 -27.00 -8.35 24.16
CA ALA A 287 -25.99 -7.55 24.88
C ALA A 287 -24.64 -8.27 25.05
N ASP A 288 -24.67 -9.55 25.47
CA ASP A 288 -23.51 -10.40 25.73
C ASP A 288 -22.75 -10.82 24.45
N GLU A 289 -23.37 -10.66 23.28
CA GLU A 289 -22.82 -11.10 21.99
C GLU A 289 -22.01 -10.03 21.25
N MET A 290 -21.03 -10.49 20.44
CA MET A 290 -20.20 -9.65 19.60
C MET A 290 -20.14 -10.18 18.16
N ILE A 291 -20.35 -9.29 17.18
CA ILE A 291 -20.32 -9.63 15.75
C ILE A 291 -18.85 -9.82 15.31
N LEU A 292 -18.51 -11.05 14.89
CA LEU A 292 -17.15 -11.39 14.49
C LEU A 292 -17.04 -11.77 13.00
N ASP A 293 -18.19 -11.84 12.30
CA ASP A 293 -18.32 -12.12 10.87
C ASP A 293 -19.75 -11.81 10.41
N ILE A 294 -19.94 -11.69 9.09
CA ILE A 294 -21.23 -11.49 8.44
C ILE A 294 -21.93 -12.85 8.31
N GLY A 295 -23.22 -12.84 7.99
CA GLY A 295 -24.00 -14.05 7.80
C GLY A 295 -24.02 -14.54 6.36
N PRO A 296 -24.61 -15.74 6.12
CA PRO A 296 -24.63 -16.29 4.74
C PRO A 296 -25.50 -15.50 3.78
N GLU A 297 -26.51 -14.76 4.27
CA GLU A 297 -27.37 -13.94 3.42
C GLU A 297 -26.57 -12.72 2.95
N SER A 298 -25.76 -12.13 3.87
CA SER A 298 -24.92 -10.96 3.61
C SER A 298 -23.76 -11.30 2.63
N GLN A 299 -23.20 -12.53 2.72
CA GLN A 299 -22.20 -13.10 1.80
C GLN A 299 -22.75 -13.16 0.37
N LYS A 300 -24.02 -13.67 0.21
CA LYS A 300 -24.72 -13.83 -1.06
C LYS A 300 -24.92 -12.48 -1.72
N ILE A 301 -25.31 -11.47 -0.93
CA ILE A 301 -25.53 -10.09 -1.38
C ILE A 301 -24.21 -9.55 -1.92
N ILE A 302 -23.09 -9.76 -1.19
CA ILE A 302 -21.75 -9.30 -1.56
C ILE A 302 -21.27 -10.00 -2.87
N ALA A 303 -21.38 -11.34 -2.94
CA ALA A 303 -20.99 -12.14 -4.12
C ALA A 303 -21.75 -11.70 -5.37
N GLU A 304 -23.03 -11.33 -5.23
CA GLU A 304 -23.88 -10.86 -6.33
C GLU A 304 -23.32 -9.55 -6.90
N LEU A 305 -23.10 -8.56 -6.02
CA LEU A 305 -22.65 -7.21 -6.34
C LEU A 305 -21.24 -7.18 -6.95
N LEU A 306 -20.33 -8.08 -6.50
CA LEU A 306 -18.95 -8.15 -7.00
C LEU A 306 -18.87 -8.92 -8.33
N LYS A 307 -19.89 -9.70 -8.66
CA LYS A 307 -19.99 -10.49 -9.90
C LYS A 307 -20.27 -9.53 -11.07
N SER A 308 -21.01 -8.47 -10.79
CA SER A 308 -21.41 -7.43 -11.74
C SER A 308 -20.27 -6.43 -12.00
N ALA A 309 -19.45 -6.14 -10.97
CA ALA A 309 -18.36 -5.18 -11.02
C ALA A 309 -17.26 -5.52 -12.03
N ASN A 310 -16.70 -4.45 -12.65
CA ASN A 310 -15.62 -4.50 -13.64
C ASN A 310 -14.33 -3.92 -13.05
N THR A 311 -14.45 -3.20 -11.94
CA THR A 311 -13.32 -2.69 -11.18
C THR A 311 -13.60 -2.98 -9.70
N ILE A 312 -12.61 -3.54 -8.99
CA ILE A 312 -12.72 -3.81 -7.56
C ILE A 312 -11.49 -3.25 -6.83
N LEU A 313 -11.74 -2.51 -5.75
CA LEU A 313 -10.74 -1.93 -4.87
C LEU A 313 -10.96 -2.53 -3.50
N TRP A 314 -10.02 -3.38 -3.08
CA TRP A 314 -10.14 -4.14 -1.86
C TRP A 314 -9.18 -3.64 -0.78
N ASN A 315 -9.76 -3.11 0.27
CA ASN A 315 -9.01 -2.63 1.42
C ASN A 315 -9.62 -3.14 2.75
N GLY A 316 -9.49 -4.44 2.99
CA GLY A 316 -9.93 -5.06 4.23
C GLY A 316 -10.86 -6.26 4.21
N PRO A 317 -10.93 -7.00 5.34
CA PRO A 317 -11.85 -8.15 5.43
C PRO A 317 -13.26 -7.73 5.92
N VAL A 318 -14.18 -8.72 6.03
CA VAL A 318 -15.54 -8.47 6.53
C VAL A 318 -15.76 -9.21 7.88
N GLY A 319 -14.75 -9.97 8.30
CA GLY A 319 -14.83 -10.77 9.51
C GLY A 319 -13.46 -11.11 10.06
N VAL A 320 -13.42 -11.66 11.27
CA VAL A 320 -12.16 -12.06 11.87
C VAL A 320 -11.82 -13.43 11.31
N PHE A 321 -11.26 -13.41 10.10
CA PHE A 321 -10.94 -14.61 9.31
C PHE A 321 -9.82 -15.45 9.94
N GLU A 322 -9.08 -14.88 10.93
CA GLU A 322 -8.02 -15.60 11.69
C GLU A 322 -8.67 -16.73 12.50
N PHE A 323 -10.01 -16.63 12.72
CA PHE A 323 -10.84 -17.63 13.40
C PHE A 323 -11.64 -18.37 12.31
N ASP A 324 -11.39 -19.68 12.13
CA ASP A 324 -12.04 -20.49 11.08
C ASP A 324 -13.56 -20.39 11.13
N ASN A 325 -14.15 -20.43 12.35
CA ASN A 325 -15.59 -20.31 12.57
C ASN A 325 -16.17 -18.93 12.16
N PHE A 326 -15.31 -17.93 11.89
CA PHE A 326 -15.75 -16.58 11.49
C PHE A 326 -15.02 -16.10 10.22
N ALA A 327 -14.54 -17.08 9.41
CA ALA A 327 -13.78 -16.84 8.19
C ALA A 327 -14.62 -16.93 6.91
N GLU A 328 -15.85 -17.51 7.01
CA GLU A 328 -16.75 -17.72 5.86
C GLU A 328 -16.96 -16.45 5.04
N GLY A 329 -17.24 -15.34 5.71
CA GLY A 329 -17.49 -14.06 5.07
C GLY A 329 -16.35 -13.55 4.21
N THR A 330 -15.11 -13.65 4.71
CA THR A 330 -13.93 -13.16 3.99
C THR A 330 -13.52 -14.18 2.93
N LYS A 331 -13.85 -15.47 3.12
CA LYS A 331 -13.61 -16.55 2.16
C LYS A 331 -14.49 -16.32 0.92
N ALA A 332 -15.82 -16.16 1.14
CA ALA A 332 -16.79 -15.90 0.07
C ALA A 332 -16.47 -14.59 -0.67
N LEU A 333 -15.97 -13.56 0.05
CA LEU A 333 -15.56 -12.28 -0.54
C LEU A 333 -14.32 -12.48 -1.46
N SER A 334 -13.28 -13.16 -0.94
CA SER A 334 -12.05 -13.49 -1.68
C SER A 334 -12.35 -14.35 -2.92
N LEU A 335 -13.23 -15.38 -2.79
CA LEU A 335 -13.61 -16.25 -3.89
C LEU A 335 -14.43 -15.49 -4.94
N ALA A 336 -15.30 -14.55 -4.53
CA ALA A 336 -16.06 -13.69 -5.44
C ALA A 336 -15.09 -12.80 -6.23
N ILE A 337 -14.11 -12.18 -5.54
CA ILE A 337 -13.11 -11.32 -6.19
C ILE A 337 -12.30 -12.17 -7.21
N ALA A 338 -11.89 -13.40 -6.82
CA ALA A 338 -11.17 -14.34 -7.69
C ALA A 338 -11.96 -14.69 -8.95
N GLN A 339 -13.28 -14.96 -8.80
CA GLN A 339 -14.20 -15.34 -9.89
C GLN A 339 -14.61 -14.16 -10.77
N SER A 340 -14.55 -12.92 -10.24
CA SER A 340 -14.98 -11.67 -10.89
C SER A 340 -14.30 -11.36 -12.23
N HIS A 341 -12.96 -11.59 -12.33
CA HIS A 341 -12.13 -11.30 -13.52
C HIS A 341 -12.06 -9.78 -13.83
N ALA A 342 -12.56 -8.99 -12.88
CA ALA A 342 -12.53 -7.54 -12.89
C ALA A 342 -11.12 -7.07 -12.60
N PHE A 343 -10.79 -5.83 -12.97
CA PHE A 343 -9.47 -5.36 -12.61
C PHE A 343 -9.50 -5.12 -11.11
N SER A 344 -8.80 -5.98 -10.34
CA SER A 344 -8.80 -5.89 -8.87
C SER A 344 -7.50 -5.33 -8.28
N VAL A 345 -7.63 -4.34 -7.37
CA VAL A 345 -6.49 -3.75 -6.66
C VAL A 345 -6.69 -3.95 -5.17
N ALA A 346 -5.77 -4.67 -4.54
CA ALA A 346 -5.77 -4.96 -3.11
C ALA A 346 -4.60 -4.26 -2.39
N GLY A 347 -4.83 -3.91 -1.12
CA GLY A 347 -3.83 -3.28 -0.27
C GLY A 347 -4.19 -3.37 1.19
N GLY A 348 -3.19 -3.35 2.05
CA GLY A 348 -3.36 -3.48 3.49
C GLY A 348 -2.99 -4.87 3.97
N GLY A 349 -2.54 -4.97 5.21
CA GLY A 349 -2.05 -6.21 5.76
C GLY A 349 -3.04 -7.36 5.90
N ASP A 350 -4.24 -7.07 6.39
CA ASP A 350 -5.26 -8.09 6.52
C ASP A 350 -5.69 -8.63 5.17
N THR A 351 -5.81 -7.74 4.20
CA THR A 351 -6.20 -8.11 2.84
C THR A 351 -5.15 -9.04 2.25
N ILE A 352 -3.88 -8.72 2.49
CA ILE A 352 -2.75 -9.54 2.04
C ILE A 352 -2.77 -10.90 2.76
N ALA A 353 -3.05 -10.92 4.08
CA ALA A 353 -3.16 -12.19 4.82
C ALA A 353 -4.37 -13.00 4.33
N ALA A 354 -5.50 -12.31 4.01
CA ALA A 354 -6.71 -12.96 3.47
C ALA A 354 -6.42 -13.56 2.13
N ILE A 355 -5.67 -12.86 1.26
CA ILE A 355 -5.27 -13.32 -0.08
C ILE A 355 -4.41 -14.60 0.03
N GLU A 356 -3.43 -14.62 0.97
CA GLU A 356 -2.52 -15.75 1.20
C GLU A 356 -3.26 -16.95 1.78
N LYS A 357 -4.15 -16.72 2.78
CA LYS A 357 -4.93 -17.77 3.44
C LYS A 357 -5.86 -18.49 2.44
N PHE A 358 -6.55 -17.73 1.56
CA PHE A 358 -7.51 -18.31 0.62
C PHE A 358 -6.88 -18.63 -0.76
N GLY A 359 -5.55 -18.44 -0.87
CA GLY A 359 -4.74 -18.73 -2.05
C GLY A 359 -5.27 -18.25 -3.39
N ILE A 360 -5.67 -16.99 -3.43
CA ILE A 360 -6.23 -16.35 -4.63
C ILE A 360 -5.31 -15.24 -5.15
N LYS A 361 -4.03 -15.30 -4.80
CA LYS A 361 -3.11 -14.22 -5.11
C LYS A 361 -2.98 -13.94 -6.60
N ASP A 362 -2.94 -15.00 -7.41
CA ASP A 362 -2.85 -14.85 -8.85
C ASP A 362 -4.09 -14.17 -9.45
N GLN A 363 -5.24 -14.49 -8.87
CA GLN A 363 -6.57 -14.05 -9.36
C GLN A 363 -6.87 -12.56 -9.00
N VAL A 364 -5.86 -11.86 -8.42
CA VAL A 364 -5.90 -10.42 -8.05
C VAL A 364 -4.93 -9.70 -8.99
N SER A 365 -5.43 -8.73 -9.75
CA SER A 365 -4.63 -8.05 -10.77
C SER A 365 -3.43 -7.34 -10.17
N TYR A 366 -3.65 -6.63 -9.07
CA TYR A 366 -2.55 -5.95 -8.41
C TYR A 366 -2.64 -6.05 -6.90
N ILE A 367 -1.50 -6.25 -6.26
CA ILE A 367 -1.42 -6.27 -4.81
C ILE A 367 -0.33 -5.28 -4.37
N SER A 368 -0.77 -4.21 -3.72
CA SER A 368 0.11 -3.21 -3.14
C SER A 368 0.68 -3.72 -1.82
N THR A 369 2.01 -3.64 -1.64
CA THR A 369 2.62 -4.02 -0.36
C THR A 369 2.92 -2.74 0.47
N ALA A 370 2.45 -1.57 -0.03
CA ALA A 370 2.65 -0.31 0.69
C ALA A 370 1.66 -0.19 1.83
N GLY A 371 2.02 0.61 2.82
CA GLY A 371 1.15 0.82 3.98
C GLY A 371 0.47 2.15 3.87
N GLY A 372 1.02 3.17 4.55
CA GLY A 372 0.47 4.52 4.53
C GLY A 372 0.42 5.14 3.15
N ALA A 373 1.41 4.83 2.29
CA ALA A 373 1.47 5.34 0.92
C ALA A 373 0.24 4.89 0.16
N PHE A 374 -0.16 3.61 0.31
CA PHE A 374 -1.37 3.10 -0.34
C PHE A 374 -2.61 3.79 0.21
N LEU A 375 -2.71 3.95 1.54
CA LEU A 375 -3.86 4.59 2.18
C LEU A 375 -3.98 6.06 1.85
N GLU A 376 -2.86 6.81 1.83
CA GLU A 376 -2.90 8.23 1.47
C GLU A 376 -3.37 8.42 0.02
N PHE A 377 -3.00 7.51 -0.90
CA PHE A 377 -3.44 7.56 -2.29
C PHE A 377 -4.96 7.29 -2.35
N LEU A 378 -5.46 6.30 -1.57
CA LEU A 378 -6.88 5.97 -1.48
C LEU A 378 -7.71 7.10 -0.89
N GLU A 379 -7.08 7.96 -0.07
CA GLU A 379 -7.67 9.16 0.55
C GLU A 379 -7.76 10.31 -0.45
N GLY A 380 -7.08 10.18 -1.59
CA GLY A 380 -7.08 11.18 -2.65
C GLY A 380 -6.08 12.29 -2.39
N LYS A 381 -5.10 12.01 -1.54
CA LYS A 381 -4.08 12.99 -1.18
C LYS A 381 -2.93 13.04 -2.19
N LYS A 382 -2.20 14.16 -2.21
CA LYS A 382 -1.03 14.34 -3.07
C LYS A 382 0.18 13.73 -2.38
N LEU A 383 0.94 12.89 -3.12
CA LEU A 383 2.14 12.25 -2.56
C LEU A 383 3.35 13.11 -2.97
N PRO A 384 4.00 13.80 -2.01
CA PRO A 384 5.09 14.73 -2.38
C PRO A 384 6.12 14.22 -3.41
N ALA A 385 6.52 12.94 -3.32
CA ALA A 385 7.51 12.36 -4.25
C ALA A 385 7.00 12.32 -5.66
N ILE A 386 5.67 12.12 -5.85
CA ILE A 386 5.02 12.01 -7.16
C ILE A 386 4.87 13.42 -7.78
N GLU A 387 4.42 14.39 -6.97
CA GLU A 387 4.21 15.79 -7.35
C GLU A 387 5.48 16.47 -7.87
N ILE A 388 6.64 16.24 -7.21
CA ILE A 388 7.89 16.86 -7.64
C ILE A 388 8.29 16.30 -9.02
N LEU A 389 8.00 15.00 -9.30
CA LEU A 389 8.32 14.37 -10.59
C LEU A 389 7.44 14.95 -11.69
N LYS A 390 6.19 15.34 -11.37
CA LYS A 390 5.25 15.96 -12.31
C LYS A 390 5.81 17.33 -12.73
N GLU A 391 6.27 18.13 -11.76
CA GLU A 391 6.87 19.44 -11.97
C GLU A 391 8.11 19.37 -12.85
N LYS A 392 8.98 18.37 -12.56
CA LYS A 392 10.27 18.18 -13.22
C LYS A 392 10.14 17.46 -14.56
N ALA A 393 8.91 17.08 -14.93
CA ALA A 393 8.63 16.44 -16.20
C ALA A 393 8.28 17.48 -17.29
N ILE A 394 7.91 18.71 -16.89
CA ILE A 394 7.52 19.84 -17.75
C ILE A 394 8.71 20.29 -18.62
N ARG A 395 8.49 20.46 -19.94
CA ARG A 395 9.51 20.89 -20.90
C ARG A 395 9.00 22.01 -21.83
PB ADP B . -6.14 -2.74 7.56
O1B ADP B . -5.36 -3.98 7.19
O2B ADP B . -5.27 -1.60 8.03
O3B ADP B . -7.13 -2.36 6.49
PA ADP B . -7.00 -2.38 10.26
O1A ADP B . -7.68 -1.04 10.11
O2A ADP B . -5.56 -2.42 10.72
O3A ADP B . -7.08 -3.14 8.84
O5' ADP B . -7.85 -3.26 11.32
C5' ADP B . -8.55 -4.45 10.91
C4' ADP B . -8.45 -5.57 11.95
O4' ADP B . -9.74 -5.83 12.55
C3' ADP B . -8.03 -6.87 11.28
O3' ADP B . -7.02 -7.50 12.06
C2' ADP B . -9.28 -7.72 11.25
O2' ADP B . -9.03 -9.13 11.35
C1' ADP B . -10.05 -7.22 12.45
N9 ADP B . -11.50 -7.47 12.27
C8 ADP B . -12.10 -7.89 11.14
N7 ADP B . -13.43 -8.05 11.33
C5 ADP B . -13.70 -7.80 12.62
C6 ADP B . -14.92 -7.76 13.48
N6 ADP B . -16.15 -8.12 13.01
N1 ADP B . -14.74 -7.38 14.77
C2 ADP B . -13.52 -7.11 15.29
N3 ADP B . -12.39 -7.07 14.55
C4 ADP B . -12.42 -7.40 13.24
#